data_5J5K
#
_entry.id   5J5K
#
_cell.length_a   124.836
_cell.length_b   124.836
_cell.length_c   124.836
_cell.angle_alpha   90.00
_cell.angle_beta   90.00
_cell.angle_gamma   90.00
#
_symmetry.space_group_name_H-M   'I 4 3 2'
#
loop_
_entity.id
_entity.type
_entity.pdbx_description
1 polymer 'Uncharacterized protein'
2 non-polymer alpha-D-mannopyranose
3 non-polymer 'PALMITIC ACID'
4 water water
#
_entity_poly.entity_id   1
_entity_poly.type   'polypeptide(L)'
_entity_poly.pdbx_seq_one_letter_code
;MGPLVARDAATILSDLSTIKTDINTLTQHFNEFTGDLLQALAAQAVEQQLESDIDQATADAKATSALSAADSTSVTNALL
GLKPDIVTSLDAIVAKKPQVDSAGVGSLVLSDLNALQSKTDALSGALQDIATATDKDTIASGTQDIDAAFSSAIAVFSHH
HHHH
;
_entity_poly.pdbx_strand_id   A
#
# COMPACT_ATOMS: atom_id res chain seq x y z
N ASP A 8 -11.47 -7.91 14.91
CA ASP A 8 -12.24 -8.94 14.15
C ASP A 8 -11.49 -9.25 12.86
N ALA A 9 -11.13 -10.52 12.68
CA ALA A 9 -10.34 -10.90 11.51
C ALA A 9 -11.08 -10.62 10.20
N ALA A 10 -12.40 -10.85 10.17
CA ALA A 10 -13.18 -10.63 8.93
C ALA A 10 -13.15 -9.18 8.46
N THR A 11 -13.26 -8.24 9.40
CA THR A 11 -13.16 -6.81 9.09
C THR A 11 -11.79 -6.47 8.51
N ILE A 12 -10.73 -6.97 9.12
CA ILE A 12 -9.36 -6.75 8.62
C ILE A 12 -9.23 -7.32 7.20
N LEU A 13 -9.77 -8.52 6.98
CA LEU A 13 -9.70 -9.13 5.64
C LEU A 13 -10.47 -8.27 4.61
N SER A 14 -11.64 -7.78 5.01
CA SER A 14 -12.40 -6.89 4.15
C SER A 14 -11.58 -5.62 3.87
N ASP A 15 -10.96 -5.07 4.90
CA ASP A 15 -10.15 -3.84 4.77
C ASP A 15 -8.99 -4.05 3.79
N LEU A 16 -8.33 -5.20 3.91
CA LEU A 16 -7.18 -5.52 3.06
C LEU A 16 -7.60 -5.73 1.61
N SER A 17 -8.79 -6.26 1.38
CA SER A 17 -9.34 -6.42 0.02
C SER A 17 -9.59 -5.05 -0.62
N THR A 18 -10.16 -4.14 0.17
CA THR A 18 -10.42 -2.78 -0.32
C THR A 18 -9.11 -2.10 -0.69
N ILE A 19 -8.09 -2.26 0.14
CA ILE A 19 -6.76 -1.74 -0.16
C ILE A 19 -6.24 -2.28 -1.50
N LYS A 20 -6.40 -3.58 -1.71
CA LYS A 20 -5.97 -4.24 -2.96
C LYS A 20 -6.70 -3.63 -4.18
N THR A 21 -8.01 -3.42 -4.06
CA THR A 21 -8.80 -2.80 -5.12
C THR A 21 -8.31 -1.39 -5.41
N ASP A 22 -8.08 -0.61 -4.35
CA ASP A 22 -7.55 0.76 -4.49
C ASP A 22 -6.23 0.77 -5.28
N ILE A 23 -5.30 -0.09 -4.89
CA ILE A 23 -3.99 -0.17 -5.54
C ILE A 23 -4.13 -0.47 -7.04
N ASN A 24 -4.95 -1.45 -7.38
CA ASN A 24 -5.10 -1.83 -8.77
C ASN A 24 -5.81 -0.75 -9.60
N THR A 25 -6.75 -0.04 -9.00
CA THR A 25 -7.35 1.14 -9.64
C THR A 25 -6.28 2.20 -9.88
N LEU A 26 -5.43 2.46 -8.88
CA LEU A 26 -4.36 3.44 -9.02
C LEU A 26 -3.41 3.06 -10.16
N THR A 27 -3.09 1.77 -10.29
CA THR A 27 -2.24 1.27 -11.38
C THR A 27 -2.84 1.56 -12.76
N GLN A 28 -4.16 1.37 -12.90
CA GLN A 28 -4.86 1.70 -14.15
C GLN A 28 -4.69 3.18 -14.50
N HIS A 29 -4.81 4.05 -13.48
CA HIS A 29 -4.61 5.48 -13.68
C HIS A 29 -3.19 5.75 -14.17
N PHE A 30 -2.19 5.16 -13.53
CA PHE A 30 -0.81 5.32 -13.96
C PHE A 30 -0.60 4.89 -15.41
N ASN A 31 -1.13 3.72 -15.77
CA ASN A 31 -0.92 3.21 -17.13
C ASN A 31 -1.56 4.08 -18.22
N GLU A 32 -2.61 4.83 -17.87
CA GLU A 32 -3.26 5.75 -18.81
C GLU A 32 -2.75 7.18 -18.74
N PHE A 33 -1.87 7.48 -17.79
CA PHE A 33 -1.37 8.86 -17.62
C PHE A 33 -0.54 9.31 -18.82
N THR A 34 -0.89 10.46 -19.38
CA THR A 34 -0.14 11.08 -20.48
C THR A 34 0.50 12.43 -20.10
N GLY A 35 0.49 12.78 -18.82
CA GLY A 35 1.06 14.06 -18.35
C GLY A 35 0.08 15.21 -18.16
N ASP A 36 -1.22 14.90 -18.24
CA ASP A 36 -2.29 15.89 -18.07
C ASP A 36 -2.59 16.06 -16.58
N LEU A 37 -2.68 17.32 -16.12
CA LEU A 37 -2.94 17.62 -14.71
C LEU A 37 -4.29 17.11 -14.19
N LEU A 38 -5.33 17.16 -15.01
CA LEU A 38 -6.63 16.60 -14.61
C LEU A 38 -6.53 15.09 -14.37
N GLN A 39 -5.72 14.40 -15.17
CA GLN A 39 -5.44 12.98 -14.92
C GLN A 39 -4.74 12.80 -13.57
N ALA A 40 -3.72 13.62 -13.33
CA ALA A 40 -3.02 13.61 -12.05
C ALA A 40 -3.97 13.82 -10.87
N LEU A 41 -4.89 14.77 -11.01
CA LEU A 41 -5.89 15.03 -9.96
C LEU A 41 -6.78 13.80 -9.71
N ALA A 42 -7.25 13.19 -10.79
CA ALA A 42 -8.08 11.99 -10.69
C ALA A 42 -7.34 10.88 -9.97
N ALA A 43 -6.08 10.67 -10.34
CA ALA A 43 -5.24 9.67 -9.71
C ALA A 43 -5.02 9.98 -8.23
N GLN A 44 -4.83 11.26 -7.92
CA GLN A 44 -4.63 11.68 -6.55
C GLN A 44 -5.84 11.40 -5.66
N ALA A 45 -7.05 11.52 -6.21
CA ALA A 45 -8.26 11.18 -5.47
C ALA A 45 -8.24 9.71 -5.06
N VAL A 46 -7.81 8.84 -5.98
CA VAL A 46 -7.67 7.40 -5.68
C VAL A 46 -6.60 7.16 -4.62
N GLU A 47 -5.47 7.86 -4.79
CA GLU A 47 -4.38 7.77 -3.83
C GLU A 47 -4.81 8.19 -2.42
N GLN A 48 -5.63 9.24 -2.30
CA GLN A 48 -6.11 9.69 -0.99
C GLN A 48 -7.12 8.70 -0.38
N GLN A 49 -7.93 8.08 -1.22
CA GLN A 49 -8.82 6.98 -0.79
C GLN A 49 -7.98 5.83 -0.26
N LEU A 50 -6.87 5.54 -0.94
CA LEU A 50 -5.97 4.47 -0.54
C LEU A 50 -5.35 4.77 0.83
N GLU A 51 -4.87 6.00 1.02
CA GLU A 51 -4.36 6.41 2.33
C GLU A 51 -5.39 6.18 3.44
N SER A 52 -6.63 6.62 3.19
CA SER A 52 -7.69 6.47 4.15
C SER A 52 -8.00 5.00 4.45
N ASP A 53 -7.95 4.17 3.41
CA ASP A 53 -8.28 2.75 3.56
C ASP A 53 -7.18 1.98 4.30
N ILE A 54 -5.93 2.40 4.12
CA ILE A 54 -4.83 1.82 4.88
C ILE A 54 -4.97 2.19 6.35
N ASP A 55 -5.22 3.47 6.63
CA ASP A 55 -5.42 3.93 8.01
C ASP A 55 -6.62 3.25 8.70
N GLN A 56 -7.70 3.03 7.94
CA GLN A 56 -8.84 2.27 8.45
C GLN A 56 -8.44 0.86 8.88
N ALA A 57 -7.65 0.19 8.04
CA ALA A 57 -7.16 -1.16 8.33
C ALA A 57 -6.29 -1.16 9.59
N THR A 58 -5.44 -0.15 9.71
CA THR A 58 -4.63 0.01 10.92
C THR A 58 -5.50 0.18 12.16
N ALA A 59 -6.48 1.08 12.11
CA ALA A 59 -7.43 1.26 13.22
C ALA A 59 -8.17 -0.05 13.57
N ASP A 60 -8.63 -0.77 12.55
CA ASP A 60 -9.35 -2.02 12.78
C ASP A 60 -8.46 -3.09 13.38
N ALA A 61 -7.21 -3.15 12.92
CA ALA A 61 -6.22 -4.09 13.47
C ALA A 61 -5.89 -3.79 14.93
N LYS A 62 -5.75 -2.50 15.26
CA LYS A 62 -5.48 -2.09 16.64
C LYS A 62 -6.65 -2.39 17.58
N ALA A 63 -7.86 -2.50 17.03
CA ALA A 63 -9.07 -2.83 17.81
C ALA A 63 -9.31 -4.34 17.94
N THR A 64 -8.48 -5.15 17.29
CA THR A 64 -8.63 -6.60 17.27
C THR A 64 -7.71 -7.27 18.28
N SER A 65 -8.20 -8.31 18.95
CA SER A 65 -7.37 -9.05 19.91
C SER A 65 -6.62 -10.17 19.21
N ALA A 66 -5.63 -10.74 19.90
CA ALA A 66 -4.74 -11.75 19.34
C ALA A 66 -5.49 -12.75 18.45
N LEU A 67 -5.02 -12.91 17.22
CA LEU A 67 -5.68 -13.73 16.22
C LEU A 67 -5.52 -15.23 16.49
N SER A 68 -6.56 -15.99 16.20
CA SER A 68 -6.46 -17.45 16.11
C SER A 68 -5.50 -17.87 15.00
N ALA A 69 -5.10 -19.14 15.01
CA ALA A 69 -4.17 -19.70 14.02
C ALA A 69 -4.65 -19.48 12.60
N ALA A 70 -5.90 -19.87 12.33
CA ALA A 70 -6.47 -19.72 11.00
C ALA A 70 -6.67 -18.24 10.64
N ASP A 71 -7.07 -17.41 11.61
CA ASP A 71 -7.23 -15.98 11.35
C ASP A 71 -5.88 -15.31 11.08
N SER A 72 -4.85 -15.68 11.83
CA SER A 72 -3.51 -15.19 11.55
C SER A 72 -3.04 -15.56 10.12
N THR A 73 -3.29 -16.80 9.70
CA THR A 73 -2.92 -17.25 8.35
C THR A 73 -3.67 -16.45 7.29
N SER A 74 -4.97 -16.25 7.48
CA SER A 74 -5.81 -15.50 6.52
C SER A 74 -5.33 -14.08 6.34
N VAL A 75 -5.07 -13.41 7.47
CA VAL A 75 -4.62 -12.01 7.47
C VAL A 75 -3.21 -11.90 6.87
N THR A 76 -2.32 -12.83 7.24
CA THR A 76 -0.95 -12.85 6.72
C THR A 76 -0.94 -13.02 5.20
N ASN A 77 -1.74 -13.98 4.71
CA ASN A 77 -1.80 -14.24 3.27
C ASN A 77 -2.42 -13.08 2.51
N ALA A 78 -3.42 -12.43 3.12
CA ALA A 78 -4.06 -11.24 2.52
C ALA A 78 -3.07 -10.07 2.43
N LEU A 79 -2.28 -9.88 3.49
CA LEU A 79 -1.27 -8.81 3.50
C LEU A 79 -0.18 -9.08 2.47
N LEU A 80 0.34 -10.31 2.48
CA LEU A 80 1.40 -10.69 1.57
C LEU A 80 0.92 -10.72 0.11
N GLY A 81 -0.33 -11.14 -0.10
CA GLY A 81 -0.96 -11.06 -1.43
C GLY A 81 -0.97 -9.67 -2.05
N LEU A 82 -0.86 -8.62 -1.21
CA LEU A 82 -0.71 -7.26 -1.71
C LEU A 82 0.62 -7.02 -2.40
N LYS A 83 1.65 -7.78 -2.03
CA LYS A 83 3.01 -7.46 -2.42
C LYS A 83 3.22 -7.30 -3.93
N PRO A 84 2.80 -8.28 -4.75
CA PRO A 84 3.00 -8.10 -6.20
C PRO A 84 2.19 -6.94 -6.79
N ASP A 85 1.01 -6.65 -6.25
CA ASP A 85 0.20 -5.53 -6.74
C ASP A 85 0.83 -4.20 -6.37
N ILE A 86 1.50 -4.15 -5.23
CA ILE A 86 2.23 -2.97 -4.81
C ILE A 86 3.41 -2.72 -5.74
N VAL A 87 4.20 -3.77 -5.98
CA VAL A 87 5.34 -3.67 -6.87
C VAL A 87 4.90 -3.26 -8.28
N THR A 88 3.82 -3.84 -8.76
CA THR A 88 3.27 -3.49 -10.08
C THR A 88 2.88 -2.02 -10.15
N SER A 89 2.20 -1.55 -9.10
CA SER A 89 1.76 -0.16 -9.02
C SER A 89 2.95 0.81 -8.99
N LEU A 90 3.94 0.55 -8.14
CA LEU A 90 5.15 1.37 -8.10
C LEU A 90 5.89 1.38 -9.42
N ASP A 91 6.01 0.20 -10.03
CA ASP A 91 6.61 0.11 -11.38
C ASP A 91 5.84 0.97 -12.40
N ALA A 92 4.51 1.00 -12.31
CA ALA A 92 3.68 1.73 -13.26
C ALA A 92 3.87 3.24 -13.15
N ILE A 93 3.96 3.76 -11.92
CA ILE A 93 4.25 5.20 -11.74
C ILE A 93 5.74 5.53 -12.08
N VAL A 94 6.66 4.64 -11.71
CA VAL A 94 8.07 4.81 -12.11
C VAL A 94 8.21 4.88 -13.64
N ALA A 95 7.49 4.00 -14.35
CA ALA A 95 7.50 3.99 -15.84
C ALA A 95 7.03 5.32 -16.44
N LYS A 96 6.20 6.03 -15.69
CA LYS A 96 5.65 7.32 -16.11
C LYS A 96 6.41 8.56 -15.59
N LYS A 97 7.65 8.40 -15.14
CA LYS A 97 8.42 9.55 -14.66
C LYS A 97 8.50 10.68 -15.70
N PRO A 98 8.72 10.34 -16.99
CA PRO A 98 8.78 11.46 -17.96
C PRO A 98 7.49 12.30 -17.98
N GLN A 99 6.34 11.63 -17.89
CA GLN A 99 5.04 12.29 -17.89
C GLN A 99 4.81 13.06 -16.59
N VAL A 100 5.27 12.50 -15.47
CA VAL A 100 5.23 13.17 -14.18
C VAL A 100 6.03 14.47 -14.22
N ASP A 101 7.23 14.41 -14.80
CA ASP A 101 8.07 15.61 -14.85
C ASP A 101 7.52 16.64 -15.83
N SER A 102 7.00 16.17 -16.96
CA SER A 102 6.30 17.00 -17.92
C SER A 102 5.13 17.76 -17.25
N ALA A 103 4.33 17.04 -16.47
CA ALA A 103 3.20 17.63 -15.73
C ALA A 103 3.64 18.54 -14.56
N GLY A 104 4.85 18.31 -14.05
CA GLY A 104 5.40 19.12 -12.97
C GLY A 104 4.96 18.63 -11.59
N VAL A 105 4.57 17.36 -11.50
CA VAL A 105 3.99 16.83 -10.25
C VAL A 105 4.85 15.82 -9.50
N GLY A 106 6.16 15.85 -9.75
CA GLY A 106 7.12 15.00 -9.03
C GLY A 106 7.04 15.09 -7.51
N SER A 107 6.87 16.31 -6.97
CA SER A 107 6.77 16.48 -5.51
C SER A 107 5.48 15.85 -4.94
N LEU A 108 4.41 15.84 -5.73
CA LEU A 108 3.16 15.20 -5.30
C LEU A 108 3.32 13.68 -5.23
N VAL A 109 3.94 13.11 -6.24
CA VAL A 109 4.24 11.69 -6.26
C VAL A 109 5.13 11.32 -5.06
N LEU A 110 6.16 12.14 -4.82
CA LEU A 110 7.10 11.90 -3.75
C LEU A 110 6.43 11.99 -2.37
N SER A 111 5.55 12.98 -2.23
CA SER A 111 4.81 13.18 -0.98
C SER A 111 3.91 11.97 -0.73
N ASP A 112 3.21 11.53 -1.77
CA ASP A 112 2.36 10.34 -1.69
C ASP A 112 3.13 9.06 -1.34
N LEU A 113 4.29 8.86 -1.97
CA LEU A 113 5.14 7.68 -1.69
C LEU A 113 5.55 7.64 -0.22
N ASN A 114 6.02 8.77 0.30
CA ASN A 114 6.41 8.88 1.72
C ASN A 114 5.23 8.61 2.68
N ALA A 115 4.06 9.18 2.37
CA ALA A 115 2.86 9.01 3.21
C ALA A 115 2.40 7.55 3.16
N LEU A 116 2.37 6.98 1.96
CA LEU A 116 1.96 5.59 1.80
C LEU A 116 2.92 4.61 2.47
N GLN A 117 4.23 4.86 2.39
CA GLN A 117 5.16 3.96 3.07
C GLN A 117 4.97 4.01 4.59
N SER A 118 4.87 5.22 5.15
CA SER A 118 4.62 5.39 6.58
C SER A 118 3.32 4.68 7.02
N LYS A 119 2.24 4.87 6.26
CA LYS A 119 0.95 4.27 6.61
C LYS A 119 0.97 2.75 6.46
N THR A 120 1.64 2.25 5.42
CA THR A 120 1.78 0.81 5.19
C THR A 120 2.61 0.17 6.30
N ASP A 121 3.68 0.86 6.71
CA ASP A 121 4.51 0.35 7.82
C ASP A 121 3.74 0.27 9.14
N ALA A 122 2.90 1.26 9.41
CA ALA A 122 2.06 1.27 10.61
C ALA A 122 1.07 0.10 10.58
N LEU A 123 0.47 -0.14 9.43
CA LEU A 123 -0.46 -1.26 9.26
C LEU A 123 0.25 -2.58 9.50
N SER A 124 1.42 -2.75 8.88
CA SER A 124 2.19 -3.98 9.05
C SER A 124 2.52 -4.22 10.52
N GLY A 125 2.95 -3.17 11.21
CA GLY A 125 3.22 -3.25 12.65
C GLY A 125 2.01 -3.70 13.46
N ALA A 126 0.85 -3.14 13.14
CA ALA A 126 -0.39 -3.49 13.85
C ALA A 126 -0.82 -4.95 13.59
N LEU A 127 -0.66 -5.42 12.36
CA LEU A 127 -0.94 -6.82 12.02
C LEU A 127 0.08 -7.79 12.66
N GLN A 128 1.36 -7.41 12.66
CA GLN A 128 2.39 -8.23 13.32
C GLN A 128 2.08 -8.43 14.81
N ASP A 129 1.55 -7.38 15.44
CA ASP A 129 1.31 -7.41 16.87
CA ASP A 129 1.27 -7.38 16.86
C ASP A 129 0.23 -8.43 17.27
N ILE A 130 -0.72 -8.70 16.37
CA ILE A 130 -1.83 -9.62 16.66
C ILE A 130 -1.69 -10.99 15.98
N ALA A 131 -0.69 -11.12 15.10
CA ALA A 131 -0.41 -12.39 14.44
C ALA A 131 0.25 -13.38 15.40
N THR A 132 0.24 -14.66 15.01
CA THR A 132 1.01 -15.68 15.71
C THR A 132 2.50 -15.37 15.51
N ALA A 133 3.33 -15.89 16.41
CA ALA A 133 4.77 -15.62 16.40
C ALA A 133 5.41 -15.91 15.05
N THR A 134 5.05 -17.05 14.45
CA THR A 134 5.59 -17.43 13.14
C THR A 134 5.09 -16.51 12.00
N ASP A 135 3.80 -16.23 11.98
CA ASP A 135 3.25 -15.31 10.97
C ASP A 135 3.83 -13.90 11.10
N LYS A 136 4.14 -13.48 12.33
CA LYS A 136 4.75 -12.17 12.54
C LYS A 136 6.06 -12.07 11.75
N ASP A 137 6.89 -13.10 11.84
CA ASP A 137 8.16 -13.13 11.10
C ASP A 137 7.90 -13.07 9.59
N THR A 138 6.88 -13.78 9.14
CA THR A 138 6.51 -13.80 7.71
C THR A 138 6.07 -12.41 7.24
N ILE A 139 5.25 -11.75 8.03
CA ILE A 139 4.76 -10.41 7.70
C ILE A 139 5.94 -9.43 7.68
N ALA A 140 6.81 -9.52 8.68
CA ALA A 140 7.98 -8.65 8.77
C ALA A 140 8.90 -8.80 7.54
N SER A 141 9.14 -10.04 7.12
CA SER A 141 9.98 -10.29 5.94
C SER A 141 9.34 -9.71 4.69
N GLY A 142 8.05 -9.98 4.49
CA GLY A 142 7.30 -9.40 3.39
C GLY A 142 7.29 -7.88 3.41
N THR A 143 7.22 -7.30 4.61
CA THR A 143 7.20 -5.85 4.76
C THR A 143 8.57 -5.24 4.41
N GLN A 144 9.65 -5.96 4.69
CA GLN A 144 10.98 -5.51 4.26
C GLN A 144 11.02 -5.38 2.73
N ASP A 145 10.37 -6.32 2.04
CA ASP A 145 10.35 -6.26 0.57
C ASP A 145 9.50 -5.10 0.07
N ILE A 146 8.36 -4.88 0.72
CA ILE A 146 7.50 -3.75 0.38
C ILE A 146 8.24 -2.41 0.61
N ASP A 147 8.89 -2.29 1.76
CA ASP A 147 9.70 -1.10 2.07
C ASP A 147 10.82 -0.87 1.04
N ALA A 148 11.49 -1.95 0.64
CA ALA A 148 12.55 -1.85 -0.37
C ALA A 148 12.00 -1.32 -1.71
N ALA A 149 10.80 -1.73 -2.08
CA ALA A 149 10.17 -1.28 -3.33
C ALA A 149 9.78 0.20 -3.22
N PHE A 150 9.18 0.60 -2.10
CA PHE A 150 8.94 2.03 -1.83
C PHE A 150 10.23 2.83 -1.93
N SER A 151 11.31 2.34 -1.31
CA SER A 151 12.57 3.07 -1.30
C SER A 151 13.12 3.26 -2.71
N SER A 152 12.97 2.24 -3.53
CA SER A 152 13.33 2.31 -4.95
C SER A 152 12.54 3.38 -5.71
N ALA A 153 11.22 3.36 -5.59
CA ALA A 153 10.37 4.37 -6.25
C ALA A 153 10.68 5.80 -5.77
N ILE A 154 10.91 5.95 -4.46
CA ILE A 154 11.27 7.23 -3.87
C ILE A 154 12.60 7.76 -4.44
N ALA A 155 13.58 6.87 -4.56
CA ALA A 155 14.87 7.21 -5.17
C ALA A 155 14.69 7.71 -6.62
N VAL A 156 13.84 7.06 -7.38
CA VAL A 156 13.58 7.46 -8.77
C VAL A 156 13.07 8.90 -8.82
N PHE A 157 12.13 9.23 -7.92
CA PHE A 157 11.48 10.53 -7.88
C PHE A 157 12.15 11.62 -7.03
N SER A 158 13.36 11.35 -6.52
CA SER A 158 14.13 12.40 -5.86
C SER A 158 15.55 12.56 -6.44
#